data_3T2W
#
_entry.id   3T2W
#
_cell.length_a   63.212
_cell.length_b   63.212
_cell.length_c   65.830
_cell.angle_alpha   90.00
_cell.angle_beta   90.00
_cell.angle_gamma   90.00
#
_symmetry.space_group_name_H-M   'P 43 21 2'
#
loop_
_entity.id
_entity.type
_entity.pdbx_description
1 polymer Avidin/streptavidin
2 non-polymer BIOTIN
3 water water
#
_entity_poly.entity_id   1
_entity_poly.type   'polypeptide(L)'
_entity_poly.pdbx_seq_one_letter_code
;MAMAQELTAMSAWVNQDGSTLYINSINAQGELTGSYINRAAGAACQNSPYPVNGWVFGTAISFSTKWLNSVESCNSITSW
SGFYINTGGQGKISTLWQLVVNGSSSPSQILKGQDVFSQTSA
;
_entity_poly.pdbx_strand_id   A
#
loop_
_chem_comp.id
_chem_comp.type
_chem_comp.name
_chem_comp.formula
BTN non-polymer BIOTIN 'C10 H16 N2 O3 S'
#
# COMPACT_ATOMS: atom_id res chain seq x y z
N ALA A 4 -13.54 -13.02 -9.94
CA ALA A 4 -12.55 -12.40 -8.99
C ALA A 4 -11.74 -11.32 -9.67
N GLN A 5 -11.62 -10.17 -9.01
CA GLN A 5 -10.66 -9.17 -9.47
C GLN A 5 -9.29 -9.80 -9.28
N GLU A 6 -8.41 -9.57 -10.25
CA GLU A 6 -7.01 -9.99 -10.19
C GLU A 6 -6.13 -8.75 -10.22
N LEU A 7 -4.82 -8.97 -10.14
CA LEU A 7 -3.80 -7.91 -10.18
C LEU A 7 -3.70 -7.34 -11.59
N THR A 8 -4.48 -6.28 -11.82
CA THR A 8 -4.53 -5.65 -13.13
C THR A 8 -4.43 -4.15 -12.98
N ALA A 9 -4.05 -3.49 -14.07
CA ALA A 9 -4.12 -2.04 -14.16
C ALA A 9 -5.53 -1.60 -13.87
N MET A 10 -5.63 -0.48 -13.17
CA MET A 10 -6.88 0.15 -12.84
C MET A 10 -7.76 -0.74 -11.97
N SER A 11 -7.14 -1.36 -10.96
CA SER A 11 -7.85 -2.15 -9.95
C SER A 11 -7.76 -1.50 -8.58
N ALA A 12 -8.83 -1.60 -7.81
CA ALA A 12 -8.92 -0.97 -6.48
C ALA A 12 -9.11 -2.04 -5.42
N TRP A 13 -8.47 -1.84 -4.26
CA TRP A 13 -8.37 -2.84 -3.20
C TRP A 13 -8.50 -2.15 -1.86
N VAL A 14 -9.34 -2.68 -0.98
CA VAL A 14 -9.55 -2.02 0.30
C VAL A 14 -9.16 -2.90 1.47
N ASN A 15 -8.44 -2.34 2.43
CA ASN A 15 -8.00 -3.16 3.55
C ASN A 15 -9.03 -3.17 4.69
N GLN A 16 -8.70 -3.88 5.76
CA GLN A 16 -9.61 -4.05 6.92
C GLN A 16 -9.92 -2.75 7.64
N ASP A 17 -9.08 -1.74 7.42
CA ASP A 17 -9.20 -0.43 8.06
C ASP A 17 -9.85 0.61 7.15
N GLY A 18 -10.20 0.19 5.94
CA GLY A 18 -10.85 1.07 4.95
C GLY A 18 -9.95 1.86 3.99
N SER A 19 -8.64 1.63 4.08
CA SER A 19 -7.70 2.27 3.15
C SER A 19 -7.73 1.63 1.77
N THR A 20 -7.49 2.43 0.73
CA THR A 20 -7.56 1.92 -0.63
C THR A 20 -6.21 2.01 -1.31
N LEU A 21 -5.81 0.89 -1.90
CA LEU A 21 -4.77 0.88 -2.92
C LEU A 21 -5.44 0.91 -4.28
N TYR A 22 -5.01 1.83 -5.14
CA TYR A 22 -5.41 1.83 -6.57
C TYR A 22 -4.17 1.55 -7.40
N ILE A 23 -4.19 0.44 -8.11
CA ILE A 23 -3.13 0.13 -9.04
C ILE A 23 -3.43 0.80 -10.37
N ASN A 24 -2.62 1.78 -10.76
CA ASN A 24 -2.84 2.51 -12.04
C ASN A 24 -2.28 1.73 -13.26
N SER A 25 -1.05 1.25 -13.16
CA SER A 25 -0.43 0.54 -14.29
C SER A 25 0.47 -0.58 -13.78
N ILE A 26 0.56 -1.65 -14.57
CA ILE A 26 1.53 -2.71 -14.38
C ILE A 26 2.14 -2.93 -15.75
N ASN A 27 3.41 -2.63 -15.89
CA ASN A 27 4.02 -2.72 -17.21
C ASN A 27 4.47 -4.14 -17.56
N ALA A 28 5.05 -4.30 -18.75
CA ALA A 28 5.40 -5.62 -19.26
C ALA A 28 6.38 -6.33 -18.33
N GLN A 29 7.20 -5.54 -17.64
CA GLN A 29 8.22 -6.05 -16.71
C GLN A 29 7.65 -6.25 -15.30
N GLY A 30 6.41 -5.80 -15.09
CA GLY A 30 5.74 -5.95 -13.81
C GLY A 30 5.94 -4.79 -12.88
N GLU A 31 6.52 -3.70 -13.38
CA GLU A 31 6.64 -2.53 -12.52
C GLU A 31 5.28 -1.86 -12.33
N LEU A 32 4.96 -1.47 -11.10
CA LEU A 32 3.65 -0.97 -10.71
C LEU A 32 3.68 0.54 -10.44
N THR A 33 2.64 1.26 -10.86
CA THR A 33 2.38 2.60 -10.36
C THR A 33 0.96 2.61 -9.81
N GLY A 34 0.70 3.52 -8.88
CA GLY A 34 -0.63 3.63 -8.35
C GLY A 34 -0.69 4.73 -7.31
N SER A 35 -1.71 4.67 -6.48
CA SER A 35 -1.90 5.66 -5.43
C SER A 35 -2.61 5.02 -4.24
N TYR A 36 -2.42 5.61 -3.08
CA TYR A 36 -2.94 5.06 -1.83
C TYR A 36 -3.73 6.12 -1.10
N ILE A 37 -4.87 5.73 -0.56
CA ILE A 37 -5.62 6.65 0.30
C ILE A 37 -5.80 5.94 1.63
N ASN A 38 -5.24 6.53 2.67
CA ASN A 38 -5.28 5.97 4.01
C ASN A 38 -6.58 6.43 4.70
N ARG A 39 -7.29 5.47 5.31
CA ARG A 39 -8.48 5.81 6.10
CA ARG A 39 -8.53 5.74 6.05
C ARG A 39 -8.53 5.06 7.42
N ALA A 40 -7.37 4.54 7.83
CA ALA A 40 -7.30 3.82 9.11
C ALA A 40 -7.70 4.76 10.23
N ALA A 41 -8.68 4.32 11.03
CA ALA A 41 -9.17 5.08 12.15
C ALA A 41 -8.04 5.62 13.02
N GLY A 42 -8.07 6.92 13.26
CA GLY A 42 -7.09 7.57 14.11
C GLY A 42 -5.75 7.92 13.47
N ALA A 43 -5.50 7.45 12.26
CA ALA A 43 -4.21 7.68 11.56
C ALA A 43 -4.01 9.10 11.00
N ALA A 44 -2.75 9.46 10.78
CA ALA A 44 -2.35 10.72 10.12
C ALA A 44 -2.36 10.50 8.63
N CYS A 45 -2.24 11.58 7.84
CA CYS A 45 -2.25 11.50 6.38
C CYS A 45 -3.42 10.65 5.86
N GLN A 46 -4.63 11.00 6.33
CA GLN A 46 -5.83 10.35 5.83
C GLN A 46 -6.50 11.14 4.71
N ASN A 47 -7.24 10.41 3.90
CA ASN A 47 -8.23 10.99 2.96
C ASN A 47 -7.67 11.79 1.80
N SER A 48 -6.39 11.64 1.47
CA SER A 48 -5.86 12.24 0.23
C SER A 48 -4.90 11.29 -0.45
N PRO A 49 -4.72 11.38 -1.78
CA PRO A 49 -3.91 10.38 -2.51
C PRO A 49 -2.41 10.56 -2.31
N TYR A 50 -1.73 9.44 -2.11
CA TYR A 50 -0.25 9.43 -2.05
C TYR A 50 0.27 8.47 -3.14
N PRO A 51 1.19 8.95 -3.99
CA PRO A 51 1.71 8.09 -5.06
C PRO A 51 2.36 6.79 -4.55
N VAL A 52 2.20 5.75 -5.35
CA VAL A 52 2.70 4.41 -5.03
C VAL A 52 3.56 3.88 -6.18
N ASN A 53 4.66 3.19 -5.85
CA ASN A 53 5.37 2.42 -6.84
C ASN A 53 5.55 0.99 -6.30
N GLY A 54 6.09 0.11 -7.11
CA GLY A 54 6.26 -1.28 -6.67
C GLY A 54 6.46 -2.23 -7.81
N TRP A 55 6.22 -3.51 -7.54
CA TRP A 55 6.46 -4.59 -8.48
C TRP A 55 5.36 -5.64 -8.34
N VAL A 56 5.09 -6.33 -9.44
CA VAL A 56 4.26 -7.52 -9.42
C VAL A 56 5.05 -8.67 -10.05
N PHE A 57 4.98 -9.85 -9.43
CA PHE A 57 5.61 -11.06 -9.99
C PHE A 57 4.64 -12.22 -9.80
N GLY A 58 3.79 -12.45 -10.80
CA GLY A 58 2.75 -13.49 -10.69
C GLY A 58 1.74 -13.05 -9.66
N THR A 59 1.71 -13.77 -8.54
CA THR A 59 0.84 -13.40 -7.45
C THR A 59 1.56 -12.63 -6.36
N ALA A 60 2.88 -12.53 -6.44
CA ALA A 60 3.64 -11.70 -5.48
C ALA A 60 3.52 -10.23 -5.89
N ILE A 61 3.46 -9.36 -4.89
CA ILE A 61 3.34 -7.92 -5.13
C ILE A 61 4.06 -7.16 -4.02
N SER A 62 4.80 -6.13 -4.39
CA SER A 62 5.25 -5.16 -3.38
C SER A 62 4.78 -3.78 -3.84
N PHE A 63 4.51 -2.93 -2.86
CA PHE A 63 4.17 -1.53 -3.18
C PHE A 63 4.56 -0.63 -2.00
N SER A 64 4.92 0.61 -2.29
CA SER A 64 5.44 1.50 -1.29
C SER A 64 4.97 2.91 -1.59
N THR A 65 4.71 3.67 -0.53
CA THR A 65 4.29 5.07 -0.67
C THR A 65 5.08 5.97 0.26
N LYS A 66 5.47 7.15 -0.23
CA LYS A 66 6.03 8.23 0.56
C LYS A 66 4.89 9.14 1.00
N TRP A 67 4.78 9.37 2.30
CA TRP A 67 3.64 10.12 2.83
C TRP A 67 3.90 11.64 2.78
N LEU A 68 3.99 12.12 1.54
CA LEU A 68 4.09 13.56 1.27
C LEU A 68 3.16 13.89 0.09
N ASN A 69 2.28 14.85 0.30
CA ASN A 69 1.50 15.43 -0.81
C ASN A 69 1.21 16.89 -0.46
N SER A 70 0.41 17.56 -1.30
CA SER A 70 0.16 18.98 -1.07
C SER A 70 -0.71 19.23 0.16
N VAL A 71 -1.40 18.20 0.62
CA VAL A 71 -2.31 18.31 1.76
C VAL A 71 -1.60 18.10 3.11
N GLU A 72 -0.79 17.04 3.22
CA GLU A 72 -0.22 16.68 4.52
C GLU A 72 1.04 15.84 4.34
N SER A 73 2.01 16.09 5.22
CA SER A 73 3.25 15.31 5.31
C SER A 73 3.30 14.56 6.62
N CYS A 74 3.61 13.26 6.53
CA CYS A 74 3.84 12.44 7.71
C CYS A 74 5.32 12.05 7.88
N ASN A 75 6.20 12.55 7.00
CA ASN A 75 7.65 12.41 7.21
C ASN A 75 8.07 10.92 7.25
N SER A 76 7.39 10.09 6.46
CA SER A 76 7.52 8.65 6.60
C SER A 76 7.19 7.95 5.27
N ILE A 77 7.53 6.67 5.21
CA ILE A 77 7.35 5.83 4.04
C ILE A 77 6.85 4.46 4.50
N THR A 78 5.79 3.96 3.87
CA THR A 78 5.35 2.58 4.14
C THR A 78 5.68 1.70 2.96
N SER A 79 6.08 0.45 3.25
CA SER A 79 6.26 -0.58 2.24
C SER A 79 5.47 -1.78 2.62
N TRP A 80 4.75 -2.31 1.65
CA TRP A 80 3.96 -3.53 1.80
C TRP A 80 4.59 -4.62 0.92
N SER A 81 4.63 -5.85 1.44
CA SER A 81 5.02 -7.06 0.70
C SER A 81 3.88 -8.02 0.85
N GLY A 82 3.44 -8.61 -0.25
CA GLY A 82 2.29 -9.52 -0.11
C GLY A 82 2.02 -10.36 -1.30
N PHE A 83 0.88 -11.02 -1.29
CA PHE A 83 0.58 -11.97 -2.35
C PHE A 83 -0.93 -11.98 -2.57
N TYR A 84 -1.28 -12.22 -3.81
CA TYR A 84 -2.68 -12.33 -4.24
C TYR A 84 -3.25 -13.73 -3.94
N ILE A 85 -4.46 -13.77 -3.40
CA ILE A 85 -5.21 -15.02 -3.25
C ILE A 85 -6.64 -14.84 -3.73
N ASN A 86 -7.22 -15.94 -4.25
CA ASN A 86 -8.62 -15.94 -4.65
C ASN A 86 -9.39 -16.98 -3.85
N GLY A 89 -14.33 -16.88 -4.77
CA GLY A 89 -14.38 -16.13 -6.02
C GLY A 89 -14.01 -14.66 -5.82
N GLN A 90 -13.35 -14.38 -4.70
CA GLN A 90 -13.02 -13.01 -4.32
C GLN A 90 -11.49 -12.81 -4.31
N GLY A 91 -11.03 -11.75 -4.98
CA GLY A 91 -9.61 -11.37 -4.97
C GLY A 91 -9.19 -10.66 -3.70
N LYS A 92 -8.04 -11.06 -3.15
CA LYS A 92 -7.50 -10.42 -1.97
C LYS A 92 -5.98 -10.31 -2.12
N ILE A 93 -5.40 -9.37 -1.40
CA ILE A 93 -3.93 -9.28 -1.31
C ILE A 93 -3.61 -9.29 0.16
N SER A 94 -2.88 -10.30 0.60
CA SER A 94 -2.51 -10.39 2.02
C SER A 94 -1.09 -9.89 2.14
N THR A 95 -0.88 -8.93 3.04
CA THR A 95 0.43 -8.22 3.11
C THR A 95 0.98 -8.09 4.52
N LEU A 96 2.30 -7.89 4.57
CA LEU A 96 2.98 -7.40 5.75
C LEU A 96 3.58 -6.07 5.38
N TRP A 97 3.45 -5.11 6.28
CA TRP A 97 3.99 -3.76 6.02
C TRP A 97 5.01 -3.27 7.05
N GLN A 98 5.85 -2.37 6.60
CA GLN A 98 6.85 -1.72 7.42
C GLN A 98 6.74 -0.23 7.17
N LEU A 99 6.76 0.55 8.24
CA LEU A 99 6.68 2.00 8.17
CA LEU A 99 6.68 1.99 8.16
C LEU A 99 7.93 2.60 8.81
N VAL A 100 8.70 3.32 8.01
CA VAL A 100 9.90 3.98 8.52
C VAL A 100 9.78 5.50 8.46
N VAL A 101 10.20 6.14 9.54
CA VAL A 101 10.06 7.58 9.72
C VAL A 101 11.42 8.28 9.56
N ASN A 102 11.39 9.44 8.91
CA ASN A 102 12.56 10.27 8.74
C ASN A 102 13.16 10.59 10.13
N GLY A 103 14.48 10.52 10.25
CA GLY A 103 15.15 10.85 11.53
C GLY A 103 15.29 9.67 12.50
N SER A 104 14.94 8.46 12.05
CA SER A 104 15.03 7.25 12.87
C SER A 104 16.49 6.96 13.25
N SER A 105 16.68 6.30 14.40
CA SER A 105 18.03 5.92 14.86
C SER A 105 18.22 4.42 15.04
N SER A 106 17.12 3.65 15.01
CA SER A 106 17.16 2.22 15.27
C SER A 106 16.12 1.47 14.47
N PRO A 107 16.47 0.27 13.94
CA PRO A 107 15.41 -0.48 13.25
C PRO A 107 14.23 -0.87 14.13
N SER A 108 14.40 -0.78 15.45
CA SER A 108 13.31 -1.07 16.35
C SER A 108 12.19 -0.01 16.24
N GLN A 109 12.49 1.11 15.57
CA GLN A 109 11.53 2.20 15.42
C GLN A 109 10.72 2.07 14.15
N ILE A 110 11.00 1.03 13.38
CA ILE A 110 10.24 0.77 12.15
C ILE A 110 8.98 0.01 12.56
N LEU A 111 7.82 0.63 12.39
CA LEU A 111 6.56 -0.01 12.76
CA LEU A 111 6.55 -0.03 12.75
C LEU A 111 6.20 -1.13 11.77
N LYS A 112 5.64 -2.22 12.27
CA LYS A 112 5.29 -3.33 11.43
C LYS A 112 3.85 -3.65 11.70
N GLY A 113 3.19 -4.18 10.68
CA GLY A 113 1.82 -4.62 10.82
C GLY A 113 1.40 -5.51 9.66
N GLN A 114 0.12 -5.85 9.63
CA GLN A 114 -0.42 -6.72 8.61
C GLN A 114 -1.68 -6.05 8.03
N ASP A 115 -1.83 -6.03 6.70
CA ASP A 115 -3.05 -5.56 6.03
C ASP A 115 -3.54 -6.61 5.08
N VAL A 116 -4.85 -6.87 5.07
CA VAL A 116 -5.44 -7.71 4.05
C VAL A 116 -6.38 -6.86 3.22
N PHE A 117 -6.15 -6.81 1.89
CA PHE A 117 -6.93 -5.97 0.96
C PHE A 117 -7.89 -6.85 0.18
N SER A 118 -9.14 -6.41 0.04
CA SER A 118 -10.10 -7.12 -0.83
C SER A 118 -10.41 -6.28 -2.04
N GLN A 119 -10.66 -6.95 -3.16
CA GLN A 119 -11.12 -6.31 -4.38
C GLN A 119 -12.33 -5.42 -4.11
N THR A 120 -12.48 -4.41 -4.96
CA THR A 120 -13.74 -3.69 -5.02
C THR A 120 -14.23 -3.54 -6.47
C11 BTN B . 2.22 7.80 9.15
O11 BTN B . 1.60 7.64 10.23
O12 BTN B . 3.47 7.90 9.22
C10 BTN B . 1.51 7.90 7.81
C9 BTN B . 0.25 7.05 7.62
C8 BTN B . 0.49 5.54 7.83
C7 BTN B . -0.78 4.70 7.63
C2 BTN B . -0.45 3.19 7.73
S1 BTN B . 0.42 2.55 6.41
C6 BTN B . 0.23 0.90 7.15
C5 BTN B . -1.26 0.85 7.57
N1 BTN B . -2.17 0.51 6.51
C3 BTN B . -3.01 1.55 6.31
O3 BTN B . -4.01 1.50 5.35
N2 BTN B . -2.74 2.59 7.07
C4 BTN B . -1.65 2.29 7.98
#